data_1FU1
#
_entry.id   1FU1
#
_cell.length_a   164.892
_cell.length_b   74.793
_cell.length_c   87.307
_cell.angle_alpha   90.00
_cell.angle_beta   103.97
_cell.angle_gamma   90.00
#
_symmetry.space_group_name_H-M   'C 1 2 1'
#
loop_
_entity.id
_entity.type
_entity.pdbx_description
1 polymer 'DNA REPAIR PROTEIN XRCC4'
2 non-polymer 'ACETIC ACID'
3 water water
#
_entity_poly.entity_id   1
_entity_poly.type   'polypeptide(L)'
_entity_poly.pdbx_seq_one_letter_code
;MERKISRIHLVSEPSITHFLQVSWEKTLESGFVITLTDGHSAWTGTVSESEISQEADDMAMEKGKYVGELRKALLSGAGP
ADVYTFNFSKES(CAS)YFFFEKNLKDVSFRLGSFNLEKVENPAEVIRELI(CAS)Y(CAS)LDTTAENQAKNEHLQKEN
ERLLRDWNDVQGRFEK(CAS)VSAKEALETDLYKRFILVLNEKKTKIRSLHNKLLNAAQ
;
_entity_poly.pdbx_strand_id   A,B
#
loop_
_chem_comp.id
_chem_comp.type
_chem_comp.name
_chem_comp.formula
ACY non-polymer 'ACETIC ACID' 'C2 H4 O2'
#
# COMPACT_ATOMS: atom_id res chain seq x y z
N MET A 1 -14.40 -4.14 14.14
CA MET A 1 -14.10 -2.79 14.68
C MET A 1 -13.13 -2.04 13.79
N GLU A 2 -13.22 -0.71 13.79
CA GLU A 2 -12.36 0.13 12.98
C GLU A 2 -11.51 1.08 13.83
N ARG A 3 -10.39 1.51 13.29
CA ARG A 3 -9.53 2.46 14.01
C ARG A 3 -8.84 3.39 13.01
N LYS A 4 -8.24 4.45 13.53
CA LYS A 4 -7.49 5.38 12.71
C LYS A 4 -6.36 5.87 13.56
N ILE A 5 -5.15 5.79 13.02
CA ILE A 5 -4.00 6.25 13.77
C ILE A 5 -3.46 7.51 13.12
N SER A 6 -3.18 8.53 13.92
CA SER A 6 -2.67 9.76 13.33
C SER A 6 -1.72 10.46 14.27
N ARG A 7 -0.96 11.40 13.70
CA ARG A 7 0.02 12.16 14.48
C ARG A 7 -0.48 13.58 14.71
N ILE A 8 -0.24 14.09 15.90
CA ILE A 8 -0.62 15.46 16.21
C ILE A 8 0.50 16.13 17.01
N HIS A 9 0.32 17.41 17.27
CA HIS A 9 1.28 18.16 18.07
C HIS A 9 0.51 18.86 19.16
N LEU A 10 0.92 18.62 20.40
CA LEU A 10 0.27 19.25 21.52
C LEU A 10 0.81 20.68 21.64
N VAL A 11 -0.08 21.62 21.92
CA VAL A 11 0.30 23.01 22.06
C VAL A 11 1.43 23.16 23.08
N SER A 12 1.43 22.31 24.11
CA SER A 12 2.43 22.38 25.16
C SER A 12 3.77 21.71 24.85
N GLU A 13 3.82 20.86 23.83
CA GLU A 13 5.07 20.17 23.47
C GLU A 13 5.25 20.14 21.96
N PRO A 14 5.51 21.30 21.34
CA PRO A 14 5.69 21.42 19.88
C PRO A 14 6.94 20.75 19.29
N SER A 15 7.88 20.38 20.14
CA SER A 15 9.11 19.75 19.68
C SER A 15 8.92 18.24 19.50
N ILE A 16 7.84 17.72 20.07
CA ILE A 16 7.54 16.30 20.00
C ILE A 16 6.27 15.96 19.23
N THR A 17 6.27 14.80 18.59
CA THR A 17 5.10 14.36 17.87
C THR A 17 4.35 13.32 18.70
N HIS A 18 3.08 13.57 19.00
CA HIS A 18 2.28 12.61 19.75
C HIS A 18 1.42 11.87 18.76
N PHE A 19 0.87 10.74 19.19
CA PHE A 19 0.03 9.96 18.29
C PHE A 19 -1.35 9.74 18.84
N LEU A 20 -2.31 9.60 17.95
CA LEU A 20 -3.71 9.41 18.32
C LEU A 20 -4.26 8.12 17.71
N GLN A 21 -4.84 7.29 18.55
CA GLN A 21 -5.46 6.06 18.04
C GLN A 21 -6.91 6.17 18.46
N VAL A 22 -7.79 6.23 17.47
CA VAL A 22 -9.20 6.35 17.70
C VAL A 22 -9.88 5.13 17.09
N SER A 23 -10.70 4.46 17.89
CA SER A 23 -11.41 3.27 17.41
C SER A 23 -12.90 3.34 17.78
N TRP A 24 -13.73 2.81 16.90
CA TRP A 24 -15.18 2.82 17.08
C TRP A 24 -15.76 1.54 16.50
N GLU A 25 -17.01 1.24 16.84
CA GLU A 25 -17.61 0.04 16.31
C GLU A 25 -18.13 0.14 14.89
N LYS A 26 -19.35 0.65 14.73
CA LYS A 26 -19.91 0.77 13.41
C LYS A 26 -19.72 2.17 12.87
N THR A 27 -19.96 3.15 13.73
CA THR A 27 -19.83 4.55 13.36
C THR A 27 -19.09 5.31 14.43
N LEU A 28 -18.55 6.46 14.08
CA LEU A 28 -17.83 7.25 15.06
C LEU A 28 -18.84 7.78 16.08
N GLU A 29 -20.01 8.21 15.58
CA GLU A 29 -21.07 8.75 16.42
C GLU A 29 -21.71 7.72 17.33
N SER A 30 -21.39 6.46 17.10
CA SER A 30 -21.91 5.37 17.91
C SER A 30 -21.07 5.29 19.18
N GLY A 31 -20.07 6.16 19.28
CA GLY A 31 -19.18 6.14 20.42
C GLY A 31 -17.81 5.66 19.98
N PHE A 32 -16.75 6.11 20.62
CA PHE A 32 -15.40 5.71 20.24
C PHE A 32 -14.46 5.77 21.43
N VAL A 33 -13.33 5.10 21.27
CA VAL A 33 -12.28 5.05 22.30
C VAL A 33 -11.11 5.85 21.73
N ILE A 34 -10.50 6.70 22.54
CA ILE A 34 -9.38 7.50 22.08
C ILE A 34 -8.14 7.35 22.96
N THR A 35 -7.01 7.07 22.32
CA THR A 35 -5.73 6.92 23.04
C THR A 35 -4.68 7.88 22.52
N LEU A 36 -3.99 8.53 23.44
CA LEU A 36 -2.92 9.45 23.08
C LEU A 36 -1.61 8.78 23.47
N THR A 37 -0.57 8.91 22.64
CA THR A 37 0.74 8.32 22.95
C THR A 37 1.90 9.17 22.53
N ASP A 38 2.99 9.07 23.30
CA ASP A 38 4.21 9.80 23.00
C ASP A 38 5.29 8.75 22.70
N GLY A 39 4.83 7.51 22.54
CA GLY A 39 5.75 6.43 22.23
C GLY A 39 6.25 5.71 23.45
N HIS A 40 5.95 6.22 24.63
CA HIS A 40 6.38 5.59 25.87
C HIS A 40 5.18 5.47 26.79
N SER A 41 4.54 6.59 27.08
CA SER A 41 3.35 6.59 27.93
C SER A 41 2.11 6.54 27.08
N ALA A 42 0.97 6.27 27.70
CA ALA A 42 -0.29 6.20 26.98
C ALA A 42 -1.44 6.69 27.85
N TRP A 43 -2.35 7.42 27.25
CA TRP A 43 -3.51 7.94 27.96
C TRP A 43 -4.73 7.57 27.15
N THR A 44 -5.71 6.94 27.79
CA THR A 44 -6.90 6.54 27.06
C THR A 44 -8.17 7.12 27.65
N GLY A 45 -9.17 7.25 26.79
CA GLY A 45 -10.45 7.78 27.23
C GLY A 45 -11.56 7.25 26.35
N THR A 46 -12.79 7.30 26.86
CA THR A 46 -13.94 6.83 26.11
C THR A 46 -14.98 7.92 25.92
N VAL A 47 -15.69 7.86 24.79
CA VAL A 47 -16.75 8.82 24.47
C VAL A 47 -17.95 8.03 23.96
N SER A 48 -19.04 8.08 24.71
CA SER A 48 -20.26 7.37 24.35
C SER A 48 -21.02 8.08 23.25
N GLU A 49 -21.93 7.37 22.59
CA GLU A 49 -22.68 8.00 21.53
C GLU A 49 -23.62 9.05 22.06
N SER A 50 -23.90 9.01 23.35
CA SER A 50 -24.80 9.99 23.95
C SER A 50 -24.05 11.26 24.35
N GLU A 51 -22.77 11.14 24.66
CA GLU A 51 -21.99 12.33 25.02
C GLU A 51 -21.77 13.13 23.75
N ILE A 52 -21.59 12.43 22.64
CA ILE A 52 -21.39 13.06 21.34
C ILE A 52 -22.64 13.85 21.02
N SER A 53 -23.73 13.12 20.76
CA SER A 53 -25.01 13.75 20.44
C SER A 53 -25.29 14.94 21.38
N GLN A 54 -24.94 14.78 22.64
CA GLN A 54 -25.15 15.84 23.64
C GLN A 54 -24.33 17.07 23.33
N GLU A 55 -23.06 16.87 22.97
CA GLU A 55 -22.15 17.96 22.65
C GLU A 55 -22.61 18.74 21.40
N ALA A 56 -23.08 18.02 20.39
CA ALA A 56 -23.55 18.65 19.17
C ALA A 56 -24.68 19.61 19.51
N ASP A 57 -25.50 19.21 20.48
CA ASP A 57 -26.61 20.05 20.92
C ASP A 57 -26.09 21.32 21.56
N ASP A 58 -25.24 21.17 22.56
CA ASP A 58 -24.67 22.30 23.27
C ASP A 58 -24.03 23.29 22.29
N MET A 59 -23.71 22.81 21.09
CA MET A 59 -23.08 23.65 20.10
C MET A 59 -23.94 24.18 18.97
N ALA A 60 -25.25 23.99 19.08
CA ALA A 60 -26.17 24.45 18.05
C ALA A 60 -25.79 23.90 16.69
N MET A 61 -25.38 22.64 16.65
CA MET A 61 -25.00 22.00 15.37
C MET A 61 -25.79 20.71 15.16
N GLU A 62 -25.97 20.32 13.90
CA GLU A 62 -26.66 19.07 13.59
C GLU A 62 -25.65 17.95 13.88
N LYS A 63 -26.09 16.90 14.56
CA LYS A 63 -25.20 15.78 14.91
C LYS A 63 -24.24 15.42 13.77
N GLY A 64 -24.76 15.39 12.55
CA GLY A 64 -23.93 15.05 11.42
C GLY A 64 -22.76 16.01 11.24
N LYS A 65 -23.06 17.31 11.28
CA LYS A 65 -22.01 18.31 11.11
C LYS A 65 -20.93 18.15 12.18
N TYR A 66 -21.36 18.02 13.43
CA TYR A 66 -20.42 17.87 14.54
C TYR A 66 -19.56 16.65 14.32
N VAL A 67 -20.18 15.53 14.02
CA VAL A 67 -19.43 14.31 13.80
C VAL A 67 -18.40 14.61 12.72
N GLY A 68 -18.84 15.29 11.67
CA GLY A 68 -17.93 15.65 10.59
C GLY A 68 -16.69 16.34 11.13
N GLU A 69 -16.89 17.33 11.99
CA GLU A 69 -15.79 18.05 12.59
C GLU A 69 -14.92 17.07 13.36
N LEU A 70 -15.55 16.12 14.05
CA LEU A 70 -14.79 15.15 14.80
C LEU A 70 -13.88 14.33 13.86
N ARG A 71 -14.38 13.94 12.68
CA ARG A 71 -13.60 13.17 11.74
C ARG A 71 -12.38 13.96 11.30
N LYS A 72 -12.63 15.19 10.84
CA LYS A 72 -11.58 16.07 10.38
C LYS A 72 -10.51 16.31 11.44
N ALA A 73 -10.94 16.49 12.67
CA ALA A 73 -10.01 16.76 13.75
C ALA A 73 -9.34 15.55 14.42
N LEU A 74 -10.06 14.44 14.52
CA LEU A 74 -9.55 13.26 15.21
C LEU A 74 -9.21 12.05 14.36
N LEU A 75 -9.62 12.05 13.10
CA LEU A 75 -9.31 10.91 12.24
C LEU A 75 -8.57 11.43 11.02
N SER A 76 -7.92 12.58 11.21
CA SER A 76 -7.16 13.24 10.15
C SER A 76 -7.93 13.35 8.86
N GLY A 77 -9.09 13.98 8.92
CA GLY A 77 -9.90 14.16 7.73
C GLY A 77 -9.92 15.63 7.33
N ALA A 78 -9.12 16.43 8.01
CA ALA A 78 -9.06 17.85 7.75
C ALA A 78 -8.71 18.17 6.31
N GLY A 79 -9.22 19.30 5.83
CA GLY A 79 -8.95 19.76 4.48
C GLY A 79 -7.67 20.59 4.51
N PRO A 80 -7.16 21.02 3.35
CA PRO A 80 -5.92 21.82 3.34
C PRO A 80 -6.04 23.10 4.15
N ALA A 81 -7.23 23.68 4.17
CA ALA A 81 -7.47 24.92 4.91
C ALA A 81 -7.68 24.71 6.40
N ASP A 82 -8.51 23.72 6.76
CA ASP A 82 -8.81 23.42 8.16
C ASP A 82 -7.57 23.40 9.04
N VAL A 83 -7.68 24.01 10.21
CA VAL A 83 -6.59 24.07 11.16
C VAL A 83 -7.10 23.70 12.53
N TYR A 84 -6.63 22.58 13.06
CA TYR A 84 -7.05 22.12 14.38
C TYR A 84 -5.84 22.10 15.30
N THR A 85 -6.05 22.37 16.58
CA THR A 85 -4.96 22.34 17.55
C THR A 85 -5.39 21.42 18.67
N PHE A 86 -4.42 20.87 19.39
CA PHE A 86 -4.75 19.93 20.47
C PHE A 86 -4.03 20.22 21.76
N ASN A 87 -4.73 20.05 22.87
CA ASN A 87 -4.17 20.31 24.17
C ASN A 87 -4.30 19.13 25.12
N PHE A 88 -3.31 18.97 25.97
CA PHE A 88 -3.36 17.90 26.96
C PHE A 88 -2.46 18.26 28.11
N SER A 89 -2.93 18.02 29.32
CA SER A 89 -2.16 18.31 30.51
C SER A 89 -1.83 16.97 31.12
N LYS A 90 -0.54 16.65 31.22
CA LYS A 90 -0.13 15.37 31.77
C LYS A 90 -0.16 15.36 33.30
N GLU A 91 -0.98 16.24 33.85
CA GLU A 91 -1.21 16.34 35.28
C GLU A 91 -2.72 16.43 35.44
N SER A 92 -3.31 17.32 34.64
CA SER A 92 -4.75 17.53 34.64
C SER A 92 -5.50 16.31 34.07
N CAS A 93 -4.89 15.65 33.08
CA CAS A 93 -5.46 14.46 32.41
CB CAS A 93 -5.96 13.40 33.37
C CAS A 93 -6.59 14.94 31.48
O CAS A 93 -7.34 14.15 30.91
SG CAS A 93 -5.17 13.47 34.99
AS CAS A 93 -3.60 11.87 34.64
CE1 CAS A 93 -4.15 11.09 33.01
CE2 CAS A 93 -1.96 12.88 34.36
N TYR A 94 -6.68 16.26 31.35
CA TYR A 94 -7.70 16.88 30.53
C TYR A 94 -7.15 17.13 29.13
N PHE A 95 -7.86 16.62 28.13
CA PHE A 95 -7.49 16.77 26.72
C PHE A 95 -8.59 17.54 26.01
N PHE A 96 -8.22 18.63 25.33
CA PHE A 96 -9.21 19.40 24.58
C PHE A 96 -8.62 19.88 23.26
N PHE A 97 -9.43 19.84 22.20
CA PHE A 97 -8.99 20.26 20.87
C PHE A 97 -9.85 21.39 20.32
N GLU A 98 -9.25 22.32 19.59
CA GLU A 98 -9.97 23.48 19.08
C GLU A 98 -9.78 23.67 17.60
N LYS A 99 -10.74 24.33 16.96
CA LYS A 99 -10.63 24.63 15.54
C LYS A 99 -10.25 26.10 15.46
N ASN A 100 -9.42 26.47 14.48
CA ASN A 100 -8.99 27.85 14.37
C ASN A 100 -9.38 28.48 13.03
N LEU A 101 -10.20 29.52 13.10
CA LEU A 101 -10.66 30.25 11.91
C LEU A 101 -10.00 31.64 11.93
N LYS A 102 -9.04 31.85 11.04
CA LYS A 102 -8.31 33.12 10.95
C LYS A 102 -7.63 33.50 12.25
N ASP A 103 -7.16 32.50 12.98
CA ASP A 103 -6.48 32.68 14.24
C ASP A 103 -7.43 32.78 15.43
N VAL A 104 -8.72 32.97 15.13
CA VAL A 104 -9.72 33.02 16.19
C VAL A 104 -10.11 31.56 16.41
N SER A 105 -9.74 31.00 17.55
CA SER A 105 -10.04 29.59 17.82
C SER A 105 -11.26 29.34 18.70
N PHE A 106 -11.96 28.23 18.44
CA PHE A 106 -13.14 27.84 19.20
C PHE A 106 -13.03 26.40 19.67
N ARG A 107 -13.43 26.14 20.91
CA ARG A 107 -13.41 24.77 21.45
C ARG A 107 -14.28 23.91 20.57
N LEU A 108 -13.82 22.70 20.29
CA LEU A 108 -14.59 21.78 19.46
C LEU A 108 -14.93 20.54 20.27
N GLY A 109 -14.08 20.24 21.25
CA GLY A 109 -14.31 19.07 22.07
C GLY A 109 -13.33 18.98 23.22
N SER A 110 -13.52 17.99 24.07
CA SER A 110 -12.64 17.83 25.22
C SER A 110 -13.10 16.65 26.04
N PHE A 111 -12.15 15.90 26.56
CA PHE A 111 -12.48 14.75 27.38
C PHE A 111 -11.33 14.43 28.31
N ASN A 112 -11.59 13.57 29.29
CA ASN A 112 -10.59 13.18 30.25
C ASN A 112 -9.98 11.87 29.82
N LEU A 113 -8.67 11.78 29.94
CA LEU A 113 -7.94 10.57 29.58
C LEU A 113 -7.28 10.03 30.84
N GLU A 114 -7.36 8.72 31.05
CA GLU A 114 -6.74 8.10 32.21
C GLU A 114 -5.44 7.45 31.77
N LYS A 115 -4.43 7.49 32.64
CA LYS A 115 -3.14 6.92 32.33
C LYS A 115 -3.19 5.40 32.22
N VAL A 116 -2.70 4.88 31.10
CA VAL A 116 -2.66 3.45 30.83
C VAL A 116 -1.59 2.78 31.69
N GLU A 117 -1.97 1.75 32.43
CA GLU A 117 -1.04 1.05 33.30
C GLU A 117 -0.01 0.24 32.53
N ASN A 118 -0.38 -0.23 31.35
CA ASN A 118 0.54 -0.99 30.54
C ASN A 118 0.66 -0.43 29.11
N PRO A 119 1.34 0.73 28.97
CA PRO A 119 1.54 1.39 27.67
C PRO A 119 2.21 0.55 26.61
N ALA A 120 3.30 -0.15 26.98
CA ALA A 120 4.00 -0.98 26.00
C ALA A 120 3.09 -2.04 25.37
N GLU A 121 2.08 -2.49 26.10
CA GLU A 121 1.19 -3.49 25.51
C GLU A 121 0.31 -2.82 24.43
N VAL A 122 -0.14 -1.59 24.69
CA VAL A 122 -0.96 -0.87 23.72
C VAL A 122 -0.13 -0.63 22.47
N ILE A 123 1.07 -0.07 22.68
CA ILE A 123 2.00 0.21 21.59
C ILE A 123 2.31 -1.03 20.76
N ARG A 124 2.60 -2.15 21.42
CA ARG A 124 2.90 -3.38 20.70
C ARG A 124 1.71 -3.73 19.83
N GLU A 125 0.51 -3.55 20.40
CA GLU A 125 -0.73 -3.86 19.69
C GLU A 125 -0.86 -2.96 18.46
N LEU A 126 -0.56 -1.67 18.64
CA LEU A 126 -0.63 -0.71 17.55
C LEU A 126 0.30 -1.12 16.42
N ILE A 127 1.51 -1.53 16.76
CA ILE A 127 2.45 -1.91 15.72
C ILE A 127 1.97 -3.17 14.99
N CAS A 128 1.39 -4.12 15.72
CA CAS A 128 0.90 -5.37 15.09
CB CAS A 128 0.37 -6.39 16.09
C CAS A 128 -0.16 -4.97 14.09
O CAS A 128 -0.15 -5.42 12.94
SG CAS A 128 1.66 -7.43 16.82
AS CAS A 128 0.41 -8.15 18.57
CE1 CAS A 128 0.82 -10.01 18.40
CE2 CAS A 128 1.31 -7.43 20.12
N TYR A 129 -1.05 -4.08 14.52
CA TYR A 129 -2.12 -3.60 13.65
C TYR A 129 -1.55 -3.04 12.38
N CAS A 130 -0.62 -2.08 12.51
CA CAS A 130 0.01 -1.46 11.35
CB CAS A 130 1.07 -0.42 11.68
C CAS A 130 0.64 -2.56 10.51
O CAS A 130 0.48 -2.56 9.29
SG CAS A 130 0.43 1.12 12.38
AS CAS A 130 -0.35 2.05 10.50
CE1 CAS A 130 0.36 3.79 10.79
CE2 CAS A 130 0.50 1.22 9.02
N LEU A 131 1.36 -3.49 11.16
CA LEU A 131 1.98 -4.61 10.42
C LEU A 131 0.96 -5.37 9.60
N ASP A 132 -0.10 -5.83 10.24
CA ASP A 132 -1.12 -6.58 9.52
C ASP A 132 -1.60 -5.73 8.36
N THR A 133 -1.95 -4.49 8.67
CA THR A 133 -2.44 -3.57 7.65
C THR A 133 -1.49 -3.38 6.47
N THR A 134 -0.25 -2.98 6.73
CA THR A 134 0.67 -2.80 5.62
C THR A 134 0.71 -4.06 4.76
N ALA A 135 0.64 -5.23 5.40
CA ALA A 135 0.68 -6.50 4.68
C ALA A 135 -0.53 -6.64 3.77
N GLU A 136 -1.71 -6.33 4.30
CA GLU A 136 -2.91 -6.44 3.50
C GLU A 136 -2.84 -5.55 2.27
N ASN A 137 -2.55 -4.27 2.50
CA ASN A 137 -2.47 -3.32 1.40
C ASN A 137 -1.36 -3.72 0.43
N GLN A 138 -0.32 -4.34 0.95
CA GLN A 138 0.75 -4.77 0.06
C GLN A 138 0.13 -5.82 -0.88
N ALA A 139 -0.57 -6.80 -0.30
CA ALA A 139 -1.21 -7.84 -1.10
C ALA A 139 -2.13 -7.23 -2.15
N LYS A 140 -3.12 -6.48 -1.70
CA LYS A 140 -4.06 -5.84 -2.63
C LYS A 140 -3.33 -5.20 -3.79
N ASN A 141 -2.34 -4.36 -3.50
CA ASN A 141 -1.62 -3.72 -4.58
C ASN A 141 -0.89 -4.76 -5.43
N GLU A 142 -0.31 -5.77 -4.80
CA GLU A 142 0.39 -6.80 -5.56
C GLU A 142 -0.56 -7.54 -6.48
N HIS A 143 -1.76 -7.85 -5.96
CA HIS A 143 -2.76 -8.53 -6.76
C HIS A 143 -3.28 -7.64 -7.89
N LEU A 144 -3.37 -6.34 -7.61
CA LEU A 144 -3.84 -5.39 -8.61
C LEU A 144 -2.87 -5.28 -9.77
N GLN A 145 -1.58 -5.43 -9.51
CA GLN A 145 -0.63 -5.36 -10.61
C GLN A 145 -0.70 -6.61 -11.45
N LYS A 146 -0.92 -7.76 -10.82
CA LYS A 146 -1.02 -8.98 -11.60
C LYS A 146 -2.16 -8.79 -12.58
N GLU A 147 -3.23 -8.14 -12.14
CA GLU A 147 -4.38 -7.90 -13.01
C GLU A 147 -4.02 -6.99 -14.17
N ASN A 148 -3.33 -5.88 -13.90
CA ASN A 148 -2.96 -4.97 -14.97
C ASN A 148 -2.01 -5.69 -15.91
N GLU A 149 -1.12 -6.50 -15.33
CA GLU A 149 -0.18 -7.26 -16.14
C GLU A 149 -0.93 -8.21 -17.06
N ARG A 150 -1.96 -8.85 -16.52
CA ARG A 150 -2.76 -9.78 -17.32
C ARG A 150 -3.37 -9.05 -18.52
N LEU A 151 -4.03 -7.92 -18.25
CA LEU A 151 -4.64 -7.12 -19.30
C LEU A 151 -3.68 -6.85 -20.45
N LEU A 152 -2.44 -6.48 -20.12
CA LEU A 152 -1.47 -6.21 -21.16
C LEU A 152 -1.09 -7.43 -21.98
N ARG A 153 -0.80 -8.55 -21.33
CA ARG A 153 -0.43 -9.78 -22.04
C ARG A 153 -1.67 -10.35 -22.71
N ASP A 154 -2.81 -10.08 -22.11
CA ASP A 154 -4.09 -10.54 -22.60
C ASP A 154 -4.40 -9.80 -23.90
N TRP A 155 -3.93 -8.57 -23.95
CA TRP A 155 -4.12 -7.70 -25.11
C TRP A 155 -3.13 -8.05 -26.21
N ASN A 156 -1.92 -8.44 -25.81
CA ASN A 156 -0.89 -8.81 -26.76
C ASN A 156 -1.37 -10.03 -27.56
N ASP A 157 -2.21 -10.85 -26.94
CA ASP A 157 -2.73 -12.02 -27.63
C ASP A 157 -3.67 -11.58 -28.75
N VAL A 158 -4.47 -10.54 -28.49
CA VAL A 158 -5.39 -10.03 -29.51
C VAL A 158 -4.60 -9.57 -30.73
N GLN A 159 -3.49 -8.89 -30.48
CA GLN A 159 -2.63 -8.42 -31.55
C GLN A 159 -2.32 -9.60 -32.47
N GLY A 160 -1.72 -10.65 -31.90
CA GLY A 160 -1.39 -11.83 -32.67
C GLY A 160 -2.56 -12.45 -33.42
N ARG A 161 -3.71 -12.56 -32.75
CA ARG A 161 -4.87 -13.13 -33.42
C ARG A 161 -5.29 -12.27 -34.59
N PHE A 162 -5.13 -10.97 -34.44
CA PHE A 162 -5.48 -10.02 -35.50
C PHE A 162 -4.58 -10.26 -36.71
N GLU A 163 -3.27 -10.26 -36.49
CA GLU A 163 -2.32 -10.48 -37.58
C GLU A 163 -2.66 -11.77 -38.32
N LYS A 164 -2.89 -12.83 -37.56
CA LYS A 164 -3.24 -14.11 -38.17
C LYS A 164 -4.53 -14.00 -38.95
N CAS A 165 -5.40 -13.06 -38.57
CA CAS A 165 -6.68 -12.86 -39.26
CB CAS A 165 -7.64 -11.98 -38.49
C CAS A 165 -6.39 -12.23 -40.60
O CAS A 165 -6.85 -12.72 -41.63
SG CAS A 165 -9.33 -12.09 -39.15
AS CAS A 165 -9.55 -10.01 -40.10
CE1 CAS A 165 -7.98 -9.12 -39.54
CE2 CAS A 165 -9.45 -10.37 -41.99
N VAL A 166 -5.67 -11.11 -40.58
CA VAL A 166 -5.34 -10.40 -41.81
C VAL A 166 -4.72 -11.34 -42.82
N SER A 167 -3.66 -12.03 -42.42
CA SER A 167 -2.98 -12.98 -43.29
C SER A 167 -3.96 -13.97 -43.89
N ALA A 168 -4.92 -14.41 -43.09
CA ALA A 168 -5.91 -15.36 -43.59
C ALA A 168 -6.71 -14.69 -44.70
N LYS A 169 -6.92 -13.38 -44.57
CA LYS A 169 -7.68 -12.65 -45.58
C LYS A 169 -6.83 -12.32 -46.78
N GLU A 170 -5.73 -11.59 -46.57
CA GLU A 170 -4.85 -11.21 -47.67
C GLU A 170 -4.48 -12.44 -48.49
N ALA A 171 -4.81 -13.61 -47.96
CA ALA A 171 -4.56 -14.88 -48.62
C ALA A 171 -5.83 -15.37 -49.30
N LEU A 172 -6.73 -15.95 -48.51
CA LEU A 172 -8.01 -16.49 -49.00
C LEU A 172 -8.56 -15.88 -50.27
N GLU A 173 -8.55 -14.55 -50.38
CA GLU A 173 -9.07 -13.94 -51.59
C GLU A 173 -8.15 -14.22 -52.75
N THR A 174 -6.89 -13.80 -52.60
CA THR A 174 -5.88 -13.99 -53.64
C THR A 174 -5.69 -15.45 -54.02
N ASP A 175 -5.81 -16.36 -53.05
CA ASP A 175 -5.62 -17.77 -53.33
C ASP A 175 -6.93 -18.54 -53.43
N LEU A 176 -7.10 -19.46 -52.48
CA LEU A 176 -8.26 -20.35 -52.34
C LEU A 176 -9.32 -20.13 -53.39
N TYR A 177 -9.76 -18.87 -53.52
CA TYR A 177 -10.79 -18.54 -54.49
C TYR A 177 -10.34 -17.85 -55.78
N LYS A 178 -9.65 -18.65 -56.61
CA LYS A 178 -9.16 -18.27 -57.93
C LYS A 178 -9.09 -19.55 -58.76
N MET B 1 16.03 5.95 2.32
CA MET B 1 16.67 4.65 2.66
C MET B 1 15.62 3.56 2.77
N GLU B 2 16.06 2.32 2.59
CA GLU B 2 15.19 1.19 2.68
C GLU B 2 15.01 0.87 4.15
N ARG B 3 13.84 0.38 4.51
CA ARG B 3 13.58 0.06 5.90
C ARG B 3 12.52 -1.03 5.97
N LYS B 4 12.71 -1.96 6.88
CA LYS B 4 11.76 -3.05 7.02
C LYS B 4 11.47 -3.33 8.47
N ILE B 5 10.20 -3.53 8.79
CA ILE B 5 9.79 -3.80 10.16
C ILE B 5 9.05 -5.12 10.23
N SER B 6 9.29 -5.86 11.30
CA SER B 6 8.65 -7.16 11.48
C SER B 6 8.61 -7.63 12.91
N ARG B 7 7.72 -8.57 13.19
CA ARG B 7 7.59 -9.09 14.53
C ARG B 7 8.37 -10.41 14.64
N ILE B 8 9.00 -10.61 15.79
CA ILE B 8 9.76 -11.82 16.07
C ILE B 8 9.52 -12.24 17.51
N HIS B 9 9.95 -13.46 17.84
CA HIS B 9 9.82 -13.93 19.20
C HIS B 9 11.17 -14.34 19.74
N LEU B 10 11.55 -13.77 20.87
CA LEU B 10 12.82 -14.09 21.46
C LEU B 10 12.65 -15.40 22.21
N VAL B 11 13.67 -16.24 22.17
CA VAL B 11 13.65 -17.53 22.86
C VAL B 11 13.41 -17.35 24.36
N SER B 12 14.11 -16.39 24.96
CA SER B 12 13.96 -16.13 26.38
C SER B 12 12.66 -15.46 26.80
N GLU B 13 11.96 -14.85 25.86
CA GLU B 13 10.69 -14.17 26.17
C GLU B 13 9.62 -14.55 25.16
N PRO B 14 9.09 -15.78 25.26
CA PRO B 14 8.05 -16.30 24.37
C PRO B 14 6.66 -15.69 24.51
N SER B 15 6.44 -14.90 25.56
CA SER B 15 5.13 -14.29 25.79
C SER B 15 4.99 -12.87 25.22
N ILE B 16 6.10 -12.13 25.21
CA ILE B 16 6.10 -10.76 24.72
C ILE B 16 6.57 -10.70 23.28
N THR B 17 5.77 -10.10 22.41
CA THR B 17 6.12 -9.96 21.00
C THR B 17 7.14 -8.84 20.84
N HIS B 18 8.24 -9.11 20.16
CA HIS B 18 9.25 -8.09 19.93
C HIS B 18 9.24 -7.65 18.48
N PHE B 19 9.80 -6.47 18.21
CA PHE B 19 9.84 -5.94 16.85
C PHE B 19 11.25 -5.67 16.42
N LEU B 20 11.47 -5.91 15.13
CA LEU B 20 12.78 -5.73 14.53
C LEU B 20 12.68 -4.70 13.43
N GLN B 21 13.53 -3.68 13.47
CA GLN B 21 13.50 -2.66 12.43
C GLN B 21 14.87 -2.67 11.75
N VAL B 22 14.90 -3.07 10.49
CA VAL B 22 16.15 -3.11 9.75
C VAL B 22 16.21 -1.99 8.73
N SER B 23 17.28 -1.18 8.79
CA SER B 23 17.47 -0.07 7.87
C SER B 23 18.77 -0.23 7.09
N TRP B 24 18.73 0.06 5.80
CA TRP B 24 19.91 -0.07 4.96
C TRP B 24 19.81 0.84 3.75
N GLU B 25 20.94 1.09 3.09
CA GLU B 25 20.93 1.96 1.94
C GLU B 25 20.62 1.33 0.59
N LYS B 26 21.55 0.62 -0.03
CA LYS B 26 21.19 0.05 -1.33
C LYS B 26 20.80 -1.41 -1.24
N THR B 27 21.75 -2.26 -0.90
CA THR B 27 21.48 -3.67 -0.75
C THR B 27 21.77 -3.97 0.68
N LEU B 28 21.18 -5.04 1.20
CA LEU B 28 21.41 -5.44 2.57
C LEU B 28 22.91 -5.71 2.70
N GLU B 29 23.50 -6.17 1.61
CA GLU B 29 24.93 -6.52 1.54
C GLU B 29 25.89 -5.37 1.86
N SER B 30 25.43 -4.13 1.78
CA SER B 30 26.29 -2.98 2.02
C SER B 30 26.36 -2.61 3.49
N GLY B 31 25.66 -3.36 4.33
CA GLY B 31 25.68 -3.06 5.75
C GLY B 31 24.28 -2.66 6.12
N PHE B 32 23.97 -2.58 7.40
CA PHE B 32 22.61 -2.20 7.75
C PHE B 32 22.52 -1.99 9.24
N VAL B 33 21.53 -1.19 9.66
CA VAL B 33 21.34 -0.91 11.07
C VAL B 33 20.13 -1.70 11.47
N ILE B 34 20.18 -2.29 12.67
CA ILE B 34 19.09 -3.12 13.15
C ILE B 34 18.69 -2.71 14.56
N THR B 35 17.39 -2.53 14.77
CA THR B 35 16.84 -2.13 16.08
C THR B 35 15.82 -3.15 16.57
N LEU B 36 15.84 -3.44 17.86
CA LEU B 36 14.91 -4.39 18.47
C LEU B 36 14.06 -3.67 19.50
N THR B 37 12.76 -4.00 19.57
CA THR B 37 11.90 -3.33 20.54
C THR B 37 10.79 -4.18 21.11
N ASP B 38 10.44 -3.87 22.35
CA ASP B 38 9.37 -4.55 23.05
C ASP B 38 8.27 -3.51 23.25
N GLY B 39 8.46 -2.36 22.62
CA GLY B 39 7.50 -1.28 22.74
C GLY B 39 7.74 -0.47 24.00
N HIS B 40 8.76 -0.84 24.77
CA HIS B 40 9.09 -0.08 25.99
C HIS B 40 10.54 0.37 25.95
N SER B 41 11.42 -0.57 25.63
CA SER B 41 12.86 -0.29 25.54
C SER B 41 13.28 -0.54 24.10
N ALA B 42 14.49 -0.11 23.75
CA ALA B 42 14.97 -0.34 22.40
C ALA B 42 16.47 -0.58 22.39
N TRP B 43 16.90 -1.53 21.58
CA TRP B 43 18.32 -1.87 21.46
C TRP B 43 18.69 -1.72 20.00
N THR B 44 19.82 -1.08 19.73
CA THR B 44 20.26 -0.87 18.36
C THR B 44 21.69 -1.33 18.15
N GLY B 45 21.98 -1.78 16.93
CA GLY B 45 23.30 -2.23 16.59
C GLY B 45 23.53 -1.99 15.12
N THR B 46 24.74 -2.26 14.65
CA THR B 46 25.07 -2.07 13.24
C THR B 46 25.87 -3.26 12.77
N VAL B 47 25.60 -3.68 11.53
CA VAL B 47 26.29 -4.80 10.92
C VAL B 47 26.88 -4.32 9.59
N SER B 48 28.20 -4.28 9.53
CA SER B 48 28.91 -3.81 8.34
C SER B 48 29.01 -4.82 7.22
N GLU B 49 29.31 -4.30 6.03
CA GLU B 49 29.46 -5.11 4.82
C GLU B 49 30.58 -6.15 5.00
N SER B 50 31.60 -5.77 5.78
CA SER B 50 32.73 -6.64 6.06
C SER B 50 32.32 -7.81 6.94
N GLU B 51 31.70 -7.48 8.07
CA GLU B 51 31.24 -8.48 8.99
C GLU B 51 30.35 -9.50 8.26
N ILE B 52 29.53 -9.00 7.33
CA ILE B 52 28.63 -9.85 6.57
C ILE B 52 29.38 -10.82 5.65
N SER B 53 30.47 -10.34 5.06
CA SER B 53 31.25 -11.17 4.17
C SER B 53 32.06 -12.16 5.01
N GLN B 54 32.53 -11.70 6.16
CA GLN B 54 33.30 -12.56 7.04
C GLN B 54 32.44 -13.76 7.50
N GLU B 55 31.26 -13.47 8.03
CA GLU B 55 30.35 -14.51 8.48
C GLU B 55 30.07 -15.53 7.38
N ALA B 56 29.82 -15.02 6.18
CA ALA B 56 29.52 -15.88 5.05
C ALA B 56 30.68 -16.80 4.70
N ASP B 57 31.90 -16.33 4.94
CA ASP B 57 33.07 -17.15 4.65
C ASP B 57 33.19 -18.17 5.75
N ASP B 58 32.94 -17.76 7.00
CA ASP B 58 33.03 -18.67 8.14
C ASP B 58 32.07 -19.84 8.02
N MET B 59 31.17 -19.78 7.05
CA MET B 59 30.21 -20.86 6.84
C MET B 59 30.45 -21.47 5.47
N ALA B 60 31.51 -21.01 4.81
CA ALA B 60 31.82 -21.50 3.49
C ALA B 60 30.57 -21.38 2.62
N MET B 61 29.84 -20.28 2.78
CA MET B 61 28.63 -20.02 1.97
C MET B 61 28.87 -18.83 1.04
N GLU B 62 28.46 -18.95 -0.22
CA GLU B 62 28.65 -17.85 -1.17
C GLU B 62 27.80 -16.64 -0.72
N LYS B 63 28.40 -15.46 -0.76
CA LYS B 63 27.74 -14.22 -0.34
C LYS B 63 26.28 -14.14 -0.72
N GLY B 64 26.01 -14.36 -2.00
CA GLY B 64 24.65 -14.29 -2.46
C GLY B 64 23.70 -15.06 -1.57
N LYS B 65 23.92 -16.36 -1.46
CA LYS B 65 23.08 -17.23 -0.65
C LYS B 65 22.96 -16.73 0.78
N TYR B 66 24.05 -16.20 1.31
CA TYR B 66 24.05 -15.71 2.69
C TYR B 66 23.18 -14.45 2.83
N VAL B 67 23.37 -13.50 1.92
CA VAL B 67 22.59 -12.27 1.96
C VAL B 67 21.12 -12.65 1.87
N GLY B 68 20.85 -13.71 1.13
CA GLY B 68 19.48 -14.18 0.99
C GLY B 68 18.97 -14.69 2.33
N GLU B 69 19.85 -15.36 3.08
CA GLU B 69 19.46 -15.89 4.38
C GLU B 69 19.14 -14.77 5.35
N LEU B 70 19.97 -13.73 5.33
CA LEU B 70 19.78 -12.56 6.18
C LEU B 70 18.41 -11.95 5.82
N ARG B 71 18.11 -11.93 4.53
CA ARG B 71 16.86 -11.37 4.04
C ARG B 71 15.66 -12.13 4.57
N LYS B 72 15.76 -13.45 4.55
CA LYS B 72 14.67 -14.31 5.03
C LYS B 72 14.52 -14.27 6.55
N ALA B 73 15.64 -14.35 7.26
CA ALA B 73 15.62 -14.33 8.70
C ALA B 73 15.27 -12.97 9.30
N LEU B 74 15.82 -11.91 8.72
CA LEU B 74 15.62 -10.56 9.23
C LEU B 74 14.60 -9.62 8.55
N LEU B 75 14.15 -9.95 7.34
CA LEU B 75 13.20 -9.10 6.64
C LEU B 75 11.87 -9.80 6.37
N SER B 76 11.54 -10.79 7.20
CA SER B 76 10.28 -11.52 7.03
C SER B 76 10.18 -12.25 5.70
N GLY B 77 11.30 -12.35 4.98
CA GLY B 77 11.28 -13.03 3.70
C GLY B 77 11.46 -14.53 3.82
N ALA B 78 11.07 -15.07 4.97
CA ALA B 78 11.21 -16.51 5.23
C ALA B 78 10.04 -17.32 4.68
N GLY B 79 10.36 -18.47 4.08
CA GLY B 79 9.33 -19.34 3.54
C GLY B 79 8.50 -20.01 4.62
N PRO B 80 7.38 -20.65 4.24
CA PRO B 80 6.48 -21.33 5.19
C PRO B 80 7.14 -22.48 5.96
N ALA B 81 8.11 -23.13 5.32
CA ALA B 81 8.81 -24.26 5.94
C ALA B 81 10.03 -23.78 6.72
N ASP B 82 10.49 -22.57 6.44
CA ASP B 82 11.66 -22.01 7.10
C ASP B 82 11.43 -21.73 8.59
N VAL B 83 12.31 -22.26 9.41
CA VAL B 83 12.23 -22.07 10.85
C VAL B 83 13.48 -21.32 11.30
N TYR B 84 13.30 -20.07 11.72
CA TYR B 84 14.42 -19.26 12.19
C TYR B 84 14.10 -18.94 13.65
N THR B 85 15.13 -18.83 14.47
CA THR B 85 14.95 -18.52 15.89
C THR B 85 15.84 -17.34 16.25
N PHE B 86 15.44 -16.56 17.26
CA PHE B 86 16.20 -15.39 17.67
C PHE B 86 16.50 -15.39 19.16
N ASN B 87 17.70 -14.95 19.51
CA ASN B 87 18.14 -14.92 20.90
C ASN B 87 18.73 -13.57 21.30
N PHE B 88 18.35 -13.09 22.48
CA PHE B 88 18.86 -11.82 22.95
C PHE B 88 19.04 -11.79 24.48
N SER B 89 20.24 -11.45 24.92
CA SER B 89 20.57 -11.33 26.34
C SER B 89 20.48 -9.86 26.68
N LYS B 90 19.47 -9.45 27.44
CA LYS B 90 19.38 -8.03 27.76
C LYS B 90 20.47 -7.57 28.70
N GLU B 91 21.24 -8.52 29.21
CA GLU B 91 22.36 -8.19 30.11
C GLU B 91 23.68 -8.20 29.34
N SER B 92 23.73 -8.97 28.27
CA SER B 92 24.92 -9.06 27.43
C SER B 92 24.77 -8.13 26.23
N CAS B 93 23.55 -8.07 25.71
CA CAS B 93 23.18 -7.26 24.57
CB CAS B 93 23.60 -5.81 24.71
C CAS B 93 23.74 -7.92 23.32
O CAS B 93 23.97 -7.29 22.30
SG CAS B 93 22.52 -4.90 25.83
AS CAS B 93 24.14 -4.52 27.30
CE1 CAS B 93 25.08 -3.19 26.31
CE2 CAS B 93 23.22 -3.69 28.80
N TYR B 94 23.95 -9.23 23.43
CA TYR B 94 24.45 -10.03 22.33
C TYR B 94 23.20 -10.65 21.72
N PHE B 95 23.05 -10.50 20.42
CA PHE B 95 21.89 -11.03 19.72
C PHE B 95 22.40 -11.94 18.63
N PHE B 96 21.91 -13.18 18.63
CA PHE B 96 22.29 -14.13 17.60
C PHE B 96 21.02 -14.84 17.19
N PHE B 97 20.96 -15.29 15.95
CA PHE B 97 19.79 -15.99 15.44
C PHE B 97 20.23 -17.20 14.65
N GLU B 98 19.44 -18.28 14.68
CA GLU B 98 19.83 -19.48 13.96
C GLU B 98 18.73 -20.11 13.15
N LYS B 99 19.13 -20.79 12.09
CA LYS B 99 18.18 -21.46 11.20
C LYS B 99 18.07 -22.90 11.64
N ASN B 100 16.84 -23.35 11.88
CA ASN B 100 16.57 -24.71 12.30
C ASN B 100 16.54 -25.68 11.12
N LEU B 101 17.55 -26.56 11.05
CA LEU B 101 17.65 -27.54 9.97
C LEU B 101 17.81 -28.97 10.52
N LYS B 102 16.92 -29.87 10.08
CA LYS B 102 16.93 -31.27 10.50
C LYS B 102 16.75 -31.40 12.01
N ASP B 103 15.82 -30.63 12.56
CA ASP B 103 15.53 -30.65 13.98
C ASP B 103 16.64 -30.03 14.85
N VAL B 104 17.73 -29.59 14.22
CA VAL B 104 18.83 -28.96 14.95
C VAL B 104 19.03 -27.56 14.41
N SER B 105 19.26 -26.61 15.31
CA SER B 105 19.45 -25.23 14.89
C SER B 105 20.90 -24.83 14.80
N PHE B 106 21.26 -24.18 13.69
CA PHE B 106 22.62 -23.72 13.47
C PHE B 106 22.67 -22.19 13.46
N ARG B 107 23.62 -21.62 14.19
CA ARG B 107 23.74 -20.17 14.24
C ARG B 107 23.98 -19.62 12.83
N LEU B 108 23.10 -18.75 12.39
CA LEU B 108 23.16 -18.14 11.07
C LEU B 108 23.88 -16.78 11.09
N GLY B 109 23.97 -16.16 12.27
CA GLY B 109 24.62 -14.87 12.40
C GLY B 109 24.43 -14.24 13.77
N SER B 110 25.20 -13.19 14.03
CA SER B 110 25.11 -12.49 15.32
C SER B 110 25.58 -11.04 15.25
N PHE B 111 25.37 -10.32 16.35
CA PHE B 111 25.77 -8.92 16.46
C PHE B 111 25.41 -8.37 17.82
N ASN B 112 26.06 -7.27 18.21
CA ASN B 112 25.80 -6.65 19.50
C ASN B 112 24.88 -5.46 19.33
N LEU B 113 24.02 -5.24 20.34
CA LEU B 113 23.07 -4.15 20.34
C LEU B 113 23.16 -3.28 21.58
N GLU B 114 23.60 -2.03 21.43
CA GLU B 114 23.68 -1.11 22.57
C GLU B 114 22.25 -0.72 22.96
N LYS B 115 22.01 -0.49 24.24
CA LYS B 115 20.68 -0.07 24.65
C LYS B 115 20.47 1.36 24.18
N VAL B 116 19.26 1.64 23.69
CA VAL B 116 18.95 2.97 23.18
C VAL B 116 18.52 3.83 24.36
N GLU B 117 19.21 4.96 24.53
CA GLU B 117 18.92 5.87 25.63
C GLU B 117 17.51 6.42 25.60
N ASN B 118 17.01 6.70 24.41
CA ASN B 118 15.66 7.23 24.29
C ASN B 118 14.80 6.34 23.42
N PRO B 119 14.11 5.37 24.02
CA PRO B 119 13.24 4.42 23.31
C PRO B 119 12.05 5.09 22.64
N ALA B 120 11.40 6.01 23.33
CA ALA B 120 10.22 6.71 22.81
C ALA B 120 10.42 7.27 21.40
N GLU B 121 11.51 8.00 21.21
CA GLU B 121 11.79 8.58 19.91
C GLU B 121 11.88 7.49 18.84
N VAL B 122 12.47 6.35 19.21
CA VAL B 122 12.61 5.24 18.28
C VAL B 122 11.24 4.71 17.89
N ILE B 123 10.36 4.57 18.88
CA ILE B 123 9.03 4.06 18.64
C ILE B 123 8.25 5.08 17.83
N ARG B 124 8.38 6.35 18.20
CA ARG B 124 7.71 7.41 17.48
C ARG B 124 8.11 7.34 16.02
N GLU B 125 9.42 7.24 15.78
CA GLU B 125 9.93 7.17 14.43
C GLU B 125 9.38 6.00 13.66
N LEU B 126 9.09 4.93 14.38
CA LEU B 126 8.56 3.75 13.72
C LEU B 126 7.13 4.03 13.31
N ILE B 127 6.33 4.58 14.23
CA ILE B 127 4.95 4.87 13.91
C ILE B 127 4.87 5.92 12.81
N CAS B 128 5.81 6.86 12.81
CA CAS B 128 5.84 7.90 11.79
CB CAS B 128 6.90 8.97 12.04
C CAS B 128 6.07 7.17 10.49
O CAS B 128 5.33 7.37 9.52
SG CAS B 128 6.25 10.34 13.02
AS CAS B 128 8.11 11.60 13.16
CE1 CAS B 128 9.20 10.42 14.17
CE2 CAS B 128 8.70 11.70 11.32
N TYR B 129 7.05 6.27 10.49
CA TYR B 129 7.37 5.50 9.30
C TYR B 129 6.21 4.66 8.81
N CAS B 130 5.41 4.11 9.72
CA CAS B 130 4.28 3.29 9.31
CB CAS B 130 3.67 2.46 10.39
C CAS B 130 3.24 4.20 8.70
O CAS B 130 2.73 3.87 7.63
SG CAS B 130 4.76 1.13 10.95
AS CAS B 130 4.53 -0.34 9.27
CE1 CAS B 130 3.94 -1.82 10.27
CE2 CAS B 130 3.21 0.19 7.99
N LEU B 131 2.92 5.32 9.34
CA LEU B 131 1.95 6.27 8.77
C LEU B 131 2.27 6.58 7.32
N ASP B 132 3.52 6.97 7.06
CA ASP B 132 3.94 7.29 5.69
C ASP B 132 3.71 6.10 4.77
N THR B 133 4.10 4.92 5.23
CA THR B 133 3.93 3.69 4.47
C THR B 133 2.46 3.41 4.20
N THR B 134 1.62 3.46 5.22
CA THR B 134 0.22 3.20 4.97
C THR B 134 -0.29 4.20 3.94
N ALA B 135 0.03 5.48 4.11
CA ALA B 135 -0.42 6.51 3.17
C ALA B 135 0.14 6.34 1.76
N GLU B 136 1.44 6.07 1.68
CA GLU B 136 2.11 5.87 0.40
C GLU B 136 1.48 4.69 -0.35
N ASN B 137 1.30 3.56 0.32
CA ASN B 137 0.72 2.38 -0.32
C ASN B 137 -0.73 2.59 -0.76
N GLN B 138 -1.54 3.16 0.13
CA GLN B 138 -2.93 3.41 -0.22
C GLN B 138 -2.99 4.19 -1.55
N ALA B 139 -2.12 5.18 -1.70
CA ALA B 139 -2.09 5.98 -2.92
C ALA B 139 -1.72 5.14 -4.14
N LYS B 140 -0.73 4.26 -4.00
CA LYS B 140 -0.34 3.41 -5.11
C LYS B 140 -1.53 2.54 -5.51
N ASN B 141 -2.36 2.17 -4.54
CA ASN B 141 -3.54 1.36 -4.82
C ASN B 141 -4.38 2.17 -5.77
N GLU B 142 -4.87 3.29 -5.25
CA GLU B 142 -5.71 4.19 -6.01
C GLU B 142 -5.14 4.50 -7.42
N HIS B 143 -3.82 4.63 -7.53
CA HIS B 143 -3.20 4.91 -8.82
C HIS B 143 -3.27 3.67 -9.71
N LEU B 144 -2.93 2.51 -9.15
CA LEU B 144 -2.98 1.26 -9.90
C LEU B 144 -4.42 1.03 -10.34
N GLN B 145 -5.35 1.31 -9.42
CA GLN B 145 -6.77 1.16 -9.67
C GLN B 145 -7.18 1.91 -10.93
N LYS B 146 -6.93 3.21 -10.98
CA LYS B 146 -7.27 4.02 -12.15
C LYS B 146 -6.57 3.50 -13.40
N GLU B 147 -5.27 3.20 -13.28
CA GLU B 147 -4.50 2.67 -14.40
C GLU B 147 -5.23 1.42 -14.88
N ASN B 148 -5.85 0.72 -13.94
CA ASN B 148 -6.60 -0.49 -14.24
C ASN B 148 -7.88 -0.13 -14.99
N GLU B 149 -8.68 0.76 -14.41
CA GLU B 149 -9.93 1.21 -15.02
C GLU B 149 -9.64 1.77 -16.42
N ARG B 150 -8.48 2.39 -16.57
CA ARG B 150 -8.08 2.96 -17.84
C ARG B 150 -8.01 1.85 -18.87
N LEU B 151 -7.12 0.88 -18.64
CA LEU B 151 -6.95 -0.24 -19.54
C LEU B 151 -8.28 -0.90 -19.89
N LEU B 152 -9.14 -1.07 -18.88
CA LEU B 152 -10.44 -1.70 -19.10
C LEU B 152 -11.32 -0.93 -20.06
N ARG B 153 -11.17 0.39 -20.09
CA ARG B 153 -11.98 1.20 -20.99
C ARG B 153 -11.45 1.12 -22.41
N ASP B 154 -10.13 1.27 -22.57
CA ASP B 154 -9.55 1.20 -23.90
C ASP B 154 -9.99 -0.08 -24.58
N TRP B 155 -10.21 -1.12 -23.81
CA TRP B 155 -10.64 -2.39 -24.37
C TRP B 155 -12.10 -2.31 -24.76
N ASN B 156 -12.94 -1.99 -23.78
CA ASN B 156 -14.37 -1.88 -23.98
C ASN B 156 -14.79 -0.98 -25.14
N ASP B 157 -13.92 -0.10 -25.59
CA ASP B 157 -14.29 0.76 -26.71
C ASP B 157 -13.44 0.53 -27.96
N VAL B 158 -12.50 -0.41 -27.89
CA VAL B 158 -11.67 -0.71 -29.05
C VAL B 158 -12.52 -1.56 -29.97
N GLN B 159 -13.22 -2.53 -29.39
CA GLN B 159 -14.07 -3.38 -30.21
C GLN B 159 -15.28 -2.55 -30.66
N GLY B 160 -15.30 -1.30 -30.21
CA GLY B 160 -16.35 -0.38 -30.59
C GLY B 160 -15.90 0.37 -31.82
N ARG B 161 -14.71 0.97 -31.77
CA ARG B 161 -14.17 1.71 -32.91
C ARG B 161 -13.93 0.73 -34.05
N PHE B 162 -13.48 -0.47 -33.70
CA PHE B 162 -13.20 -1.48 -34.70
C PHE B 162 -14.42 -1.83 -35.52
N GLU B 163 -15.54 -2.13 -34.86
CA GLU B 163 -16.74 -2.49 -35.60
C GLU B 163 -17.20 -1.37 -36.52
N LYS B 164 -16.81 -0.14 -36.21
CA LYS B 164 -17.17 1.01 -37.03
C LYS B 164 -16.28 1.15 -38.24
N CAS B 165 -14.99 0.85 -38.10
CA CAS B 165 -14.07 0.98 -39.22
CB CAS B 165 -12.61 0.63 -38.95
C CAS B 165 -14.55 0.07 -40.30
O CAS B 165 -14.72 0.46 -41.44
SG CAS B 165 -11.63 0.82 -40.46
AS CAS B 165 -10.66 -1.24 -40.52
CE1 CAS B 165 -12.01 -2.25 -41.35
CE2 CAS B 165 -9.15 -1.03 -41.75
N VAL B 166 -14.75 -1.19 -39.93
CA VAL B 166 -15.21 -2.17 -40.88
C VAL B 166 -16.40 -1.65 -41.65
N SER B 167 -17.46 -1.26 -40.95
CA SER B 167 -18.64 -0.75 -41.61
C SER B 167 -18.25 0.34 -42.61
N ALA B 168 -17.37 1.24 -42.20
CA ALA B 168 -16.91 2.29 -43.08
C ALA B 168 -16.30 1.66 -44.33
N LYS B 169 -15.15 1.01 -44.17
CA LYS B 169 -14.48 0.34 -45.28
C LYS B 169 -15.38 -0.69 -45.99
N GLU B 170 -16.15 -1.43 -45.21
CA GLU B 170 -17.05 -2.42 -45.79
C GLU B 170 -17.99 -1.72 -46.76
N ALA B 171 -18.14 -0.42 -46.59
CA ALA B 171 -19.01 0.36 -47.47
C ALA B 171 -18.23 0.91 -48.66
N LEU B 172 -17.14 1.63 -48.40
CA LEU B 172 -16.35 2.18 -49.49
C LEU B 172 -16.01 1.10 -50.51
N GLU B 173 -15.67 -0.08 -50.01
CA GLU B 173 -15.31 -1.20 -50.86
C GLU B 173 -16.46 -1.67 -51.75
N THR B 174 -17.64 -1.86 -51.16
CA THR B 174 -18.80 -2.29 -51.95
C THR B 174 -19.07 -1.35 -53.11
N ASP B 175 -18.84 -0.05 -52.91
CA ASP B 175 -19.04 0.90 -53.99
C ASP B 175 -17.99 0.58 -55.04
N LEU B 176 -16.74 0.55 -54.59
CA LEU B 176 -15.58 0.28 -55.44
C LEU B 176 -15.80 -1.01 -56.24
N TYR B 177 -16.52 -1.94 -55.65
CA TYR B 177 -16.78 -3.22 -56.29
C TYR B 177 -17.91 -3.14 -57.28
N LYS B 178 -19.01 -2.53 -56.85
CA LYS B 178 -20.16 -2.38 -57.72
C LYS B 178 -19.77 -1.58 -58.97
N ARG B 179 -18.86 -0.62 -58.80
CA ARG B 179 -18.42 0.17 -59.93
C ARG B 179 -17.78 -0.74 -60.96
N PHE B 180 -16.76 -1.49 -60.55
CA PHE B 180 -16.07 -2.39 -61.47
C PHE B 180 -17.03 -3.29 -62.19
N ILE B 181 -18.02 -3.80 -61.49
CA ILE B 181 -18.99 -4.68 -62.13
C ILE B 181 -19.72 -3.91 -63.21
N LEU B 182 -20.02 -2.65 -62.92
CA LEU B 182 -20.70 -1.79 -63.87
C LEU B 182 -19.81 -1.62 -65.10
N VAL B 183 -18.53 -1.37 -64.87
CA VAL B 183 -17.58 -1.20 -65.96
C VAL B 183 -17.56 -2.44 -66.85
N LEU B 184 -17.49 -3.62 -66.23
CA LEU B 184 -17.49 -4.88 -66.97
C LEU B 184 -18.72 -4.94 -67.85
N ASN B 185 -19.86 -4.57 -67.28
CA ASN B 185 -21.10 -4.59 -68.02
C ASN B 185 -21.09 -3.60 -69.20
N GLU B 186 -20.80 -2.32 -68.93
CA GLU B 186 -20.79 -1.32 -70.01
C GLU B 186 -19.94 -1.76 -71.17
N LYS B 187 -18.79 -2.34 -70.88
CA LYS B 187 -17.91 -2.82 -71.93
C LYS B 187 -18.58 -3.93 -72.76
N LYS B 188 -19.69 -4.48 -72.26
CA LYS B 188 -20.41 -5.52 -72.98
C LYS B 188 -21.72 -4.96 -73.57
N THR B 189 -22.26 -3.91 -72.96
CA THR B 189 -23.49 -3.29 -73.46
C THR B 189 -23.18 -2.48 -74.71
N LYS B 190 -21.97 -1.91 -74.77
CA LYS B 190 -21.56 -1.15 -75.95
C LYS B 190 -21.34 -2.14 -77.08
N ILE B 191 -20.74 -3.28 -76.74
CA ILE B 191 -20.46 -4.34 -77.72
C ILE B 191 -21.73 -4.75 -78.47
N ARG B 192 -22.83 -4.92 -77.73
CA ARG B 192 -24.10 -5.30 -78.33
C ARG B 192 -24.75 -4.17 -79.10
N SER B 193 -24.78 -2.97 -78.51
CA SER B 193 -25.35 -1.81 -79.17
C SER B 193 -24.67 -1.66 -80.53
N LEU B 194 -23.38 -1.99 -80.57
CA LEU B 194 -22.60 -1.91 -81.80
C LEU B 194 -22.74 -3.19 -82.62
N HIS B 195 -21.99 -4.23 -82.28
CA HIS B 195 -22.05 -5.50 -83.02
C HIS B 195 -23.38 -5.76 -83.74
N ASN B 196 -24.49 -5.33 -83.14
CA ASN B 196 -25.82 -5.51 -83.74
C ASN B 196 -26.17 -4.38 -84.72
N LYS B 197 -25.93 -3.14 -84.30
CA LYS B 197 -26.19 -1.97 -85.14
C LYS B 197 -24.90 -1.64 -85.92
N LEU B 198 -23.85 -2.40 -85.64
CA LEU B 198 -22.54 -2.24 -86.29
C LEU B 198 -22.54 -3.14 -87.51
N LEU B 199 -23.22 -4.29 -87.40
CA LEU B 199 -23.35 -5.20 -88.52
C LEU B 199 -24.39 -4.53 -89.41
N ASN B 200 -24.94 -3.44 -88.89
CA ASN B 200 -25.93 -2.61 -89.55
C ASN B 200 -25.20 -1.41 -90.19
N ALA B 201 -24.20 -0.90 -89.48
CA ALA B 201 -23.40 0.22 -89.94
C ALA B 201 -22.37 -0.25 -90.97
N ALA B 202 -21.84 -1.45 -90.76
CA ALA B 202 -20.86 -2.04 -91.66
C ALA B 202 -21.51 -2.75 -92.84
N GLN B 203 -22.37 -3.71 -92.54
CA GLN B 203 -23.05 -4.49 -93.57
C GLN B 203 -24.54 -4.14 -93.68
C ACY C . -16.47 25.12 15.24
O ACY C . -17.23 24.31 14.55
OXT ACY C . -16.45 25.31 16.50
CH3 ACY C . -15.51 25.90 14.37
C ACY D . -19.25 29.77 14.60
O ACY D . -20.05 30.27 15.49
OXT ACY D . -19.49 29.63 13.35
CH3 ACY D . -17.91 29.34 15.16
C ACY E . -16.90 15.40 23.04
O ACY E . -17.47 14.55 23.86
OXT ACY E . -16.30 16.49 23.33
CH3 ACY E . -17.00 14.97 21.58
C ACY F . -8.29 -1.50 19.56
O ACY F . -8.22 -1.52 20.86
OXT ACY F . -7.40 -1.09 18.74
CH3 ACY F . -9.62 -2.03 19.02
#